data_5KJU
#
_entry.id   5KJU
#
_cell.length_a   99.480
_cell.length_b   99.480
_cell.length_c   82.560
_cell.angle_alpha   90.00
_cell.angle_beta   90.00
_cell.angle_gamma   120.00
#
_symmetry.space_group_name_H-M   'P 32 2 1'
#
loop_
_entity.id
_entity.type
_entity.pdbx_description
1 polymer 'Shikimate O-hydroxycinnamoyltransferase'
2 non-polymer '(3~{R},4~{S},5~{R})-3-[(~{E})-3-(4-hydroxyphenyl)prop-2-enoyl]oxy-4,5-bis(oxidanyl)cyclohexene-1-carboxylic acid'
3 water water
#
_entity_poly.entity_id   1
_entity_poly.type   'polypeptide(L)'
_entity_poly.pdbx_seq_one_letter_code
;MKINIRDSTMVRPATETPITNLWNSNVDLVIPRFHTPSVYFYRPTGASNFFDPQVMKEALSKALVPFYPMAGRLKRDDDG
RIEIDCNGAGVLFVVADTPSVIDDFGDFAPTLNLRQLIPEVDHSAGIHSFPLLVLQVTFFKCGGASLGVGMQHHAADGFS
GLHFINTWSDMARGLDLTIPPFIDRTLLRARDPPQPAFHHVEYQPAPSMKIPLDPSKSGPENTTVSIFKLTRDQLVALKA
KSKEDGNTVSYSSYEMLAGHVWRSVGKARGLPNDQETKLYIATDGRSRLRPQLPPGYFGNVIFTATPLAVAGDLLSKPTW
YAAGQIHDFLVRMDDNYLRSALDYLEMQPDLSALVRGAHTYKCPNLGITSWVRLPIYDADFGWGRPIFMGPGGIPYEGLS
FVLPSPTNDGSLSVAIALQSEHMKLFEKFLFEI
;
_entity_poly.pdbx_strand_id   A
#
# COMPACT_ATOMS: atom_id res chain seq x y z
N MET A 1 16.64 19.22 1.94
CA MET A 1 15.20 19.43 2.18
C MET A 1 14.84 19.63 3.67
N LYS A 2 14.46 20.85 4.01
CA LYS A 2 14.13 21.23 5.38
C LYS A 2 12.64 21.55 5.53
N ILE A 3 12.00 20.97 6.53
CA ILE A 3 10.59 21.22 6.77
C ILE A 3 10.42 22.11 7.99
N ASN A 4 9.63 23.16 7.84
CA ASN A 4 9.33 24.04 8.96
C ASN A 4 7.85 23.94 9.29
N ILE A 5 7.54 23.27 10.40
CA ILE A 5 6.15 23.11 10.80
C ILE A 5 5.54 24.46 11.18
N ARG A 6 4.35 24.74 10.66
CA ARG A 6 3.68 26.00 10.91
C ARG A 6 2.57 25.84 11.94
N ASP A 7 1.66 24.91 11.65
CA ASP A 7 0.49 24.67 12.50
C ASP A 7 0.34 23.19 12.78
N SER A 8 -0.46 22.87 13.79
CA SER A 8 -0.75 21.48 14.10
C SER A 8 -2.06 21.36 14.85
N THR A 9 -3.06 20.79 14.20
CA THR A 9 -4.37 20.63 14.81
C THR A 9 -4.80 19.16 14.96
N MET A 10 -5.47 18.86 16.07
CA MET A 10 -6.17 17.61 16.22
C MET A 10 -7.61 17.86 15.77
N VAL A 11 -7.93 17.43 14.55
CA VAL A 11 -9.24 17.67 13.96
C VAL A 11 -10.22 16.57 14.36
N ARG A 12 -11.35 16.94 14.93
CA ARG A 12 -12.34 15.97 15.38
C ARG A 12 -13.58 16.03 14.48
N PRO A 13 -14.41 14.97 14.50
CA PRO A 13 -15.60 15.00 13.62
C PRO A 13 -16.48 16.22 13.89
N ALA A 14 -17.11 16.74 12.85
CA ALA A 14 -17.91 17.96 12.91
C ALA A 14 -19.08 17.85 13.88
N THR A 15 -19.62 16.64 14.02
CA THR A 15 -20.69 16.40 14.97
C THR A 15 -20.43 15.13 15.78
N GLU A 16 -21.30 14.84 16.74
CA GLU A 16 -21.17 13.63 17.55
C GLU A 16 -21.21 12.40 16.67
N THR A 17 -20.36 11.43 16.99
CA THR A 17 -20.32 10.18 16.23
C THR A 17 -20.47 9.00 17.16
N PRO A 18 -20.82 7.83 16.61
CA PRO A 18 -21.02 6.64 17.47
C PRO A 18 -19.81 6.32 18.31
N ILE A 19 -20.00 6.28 19.62
CA ILE A 19 -19.02 5.68 20.52
C ILE A 19 -19.19 4.16 20.52
N THR A 20 -18.20 3.46 19.99
CA THR A 20 -18.31 2.02 19.88
C THR A 20 -16.92 1.41 19.73
N ASN A 21 -16.82 0.09 19.92
CA ASN A 21 -15.58 -0.62 19.58
C ASN A 21 -15.76 -1.37 18.29
N LEU A 22 -14.91 -1.06 17.32
CA LEU A 22 -14.99 -1.64 15.98
C LEU A 22 -14.09 -2.87 15.81
N TRP A 23 -14.72 -4.02 15.55
CA TRP A 23 -14.00 -5.28 15.46
C TRP A 23 -13.11 -5.36 14.20
N ASN A 24 -11.92 -5.91 14.36
CA ASN A 24 -11.00 -6.14 13.24
C ASN A 24 -11.08 -7.58 12.76
N SER A 25 -11.20 -7.81 11.45
CA SER A 25 -11.20 -9.17 10.93
C SER A 25 -9.77 -9.71 10.85
N ASN A 26 -9.64 -10.98 10.52
CA ASN A 26 -8.34 -11.60 10.45
C ASN A 26 -7.44 -10.94 9.39
N VAL A 27 -8.00 -10.54 8.25
CA VAL A 27 -7.18 -9.87 7.23
C VAL A 27 -6.91 -8.40 7.63
N ASP A 28 -7.69 -7.87 8.59
CA ASP A 28 -7.39 -6.58 9.20
C ASP A 28 -6.21 -6.65 10.20
N LEU A 29 -5.80 -7.86 10.56
CA LEU A 29 -4.77 -8.05 11.60
C LEU A 29 -3.42 -8.48 11.02
N VAL A 30 -3.45 -9.24 9.94
CA VAL A 30 -2.26 -9.86 9.37
C VAL A 30 -1.62 -8.90 8.34
N ILE A 31 -2.27 -7.76 8.20
CA ILE A 31 -1.80 -6.56 7.52
C ILE A 31 -0.53 -5.99 8.20
N PRO A 32 0.34 -5.30 7.42
CA PRO A 32 1.55 -4.67 8.01
C PRO A 32 1.29 -3.78 9.22
N ARG A 33 2.35 -3.47 9.96
CA ARG A 33 2.22 -3.00 11.33
C ARG A 33 1.93 -1.51 11.58
N PHE A 34 2.14 -0.60 10.65
CA PHE A 34 2.00 0.79 11.10
C PHE A 34 1.04 1.68 10.29
N HIS A 35 1.55 2.82 9.81
CA HIS A 35 0.75 3.71 8.98
C HIS A 35 1.20 3.63 7.52
N THR A 36 0.28 3.25 6.63
CA THR A 36 0.62 3.22 5.23
C THR A 36 0.85 4.65 4.77
N PRO A 37 2.03 4.90 4.17
CA PRO A 37 2.45 6.23 3.73
C PRO A 37 2.13 6.51 2.25
N SER A 38 1.45 7.61 1.98
CA SER A 38 1.26 8.03 0.60
C SER A 38 1.44 9.54 0.46
N VAL A 39 1.83 9.97 -0.73
CA VAL A 39 2.05 11.39 -0.95
C VAL A 39 1.45 11.85 -2.27
N TYR A 40 0.84 13.03 -2.23
CA TYR A 40 0.24 13.72 -3.37
C TYR A 40 0.98 15.02 -3.66
N PHE A 41 1.22 15.36 -4.92
CA PHE A 41 1.81 16.65 -5.27
C PHE A 41 0.88 17.48 -6.18
N TYR A 42 0.75 18.77 -5.86
CA TYR A 42 -0.16 19.68 -6.56
C TYR A 42 0.56 20.94 -7.03
N ARG A 43 0.43 21.28 -8.30
CA ARG A 43 0.93 22.56 -8.83
C ARG A 43 0.09 23.73 -8.28
N PRO A 44 0.69 24.92 -8.14
CA PRO A 44 -0.17 26.03 -7.73
C PRO A 44 -1.14 26.39 -8.85
N THR A 45 -2.35 26.86 -8.55
CA THR A 45 -3.19 27.36 -9.66
C THR A 45 -2.85 28.81 -9.94
N GLY A 46 -2.25 29.45 -8.95
CA GLY A 46 -1.97 30.88 -9.00
C GLY A 46 -2.90 31.60 -8.04
N ALA A 47 -3.93 30.89 -7.57
CA ALA A 47 -4.91 31.48 -6.65
C ALA A 47 -4.33 31.67 -5.26
N SER A 48 -4.78 32.71 -4.56
CA SER A 48 -4.42 32.90 -3.16
C SER A 48 -5.00 31.76 -2.33
N ASN A 49 -6.29 31.50 -2.56
CA ASN A 49 -7.04 30.33 -2.12
C ASN A 49 -6.28 29.02 -1.83
N PHE A 50 -5.22 28.78 -2.61
CA PHE A 50 -4.60 27.48 -2.78
C PHE A 50 -4.36 26.69 -1.49
N PHE A 51 -5.07 25.55 -1.39
CA PHE A 51 -5.00 24.65 -0.25
C PHE A 51 -5.13 25.38 1.08
N ASP A 52 -6.06 26.32 1.12
CA ASP A 52 -6.41 27.03 2.34
C ASP A 52 -6.70 26.04 3.48
N PRO A 53 -5.87 26.08 4.53
CA PRO A 53 -5.96 25.20 5.69
C PRO A 53 -7.35 25.14 6.33
N GLN A 54 -8.06 26.27 6.35
CA GLN A 54 -9.38 26.32 6.95
C GLN A 54 -10.37 25.48 6.14
N VAL A 55 -10.30 25.62 4.81
CA VAL A 55 -11.15 24.84 3.93
C VAL A 55 -10.87 23.35 4.12
N MET A 56 -9.58 23.00 4.14
CA MET A 56 -9.16 21.61 4.31
C MET A 56 -9.64 21.07 5.67
N LYS A 57 -9.36 21.80 6.74
CA LYS A 57 -9.72 21.33 8.09
C LYS A 57 -11.22 21.20 8.31
N GLU A 58 -12.02 22.09 7.74
CA GLU A 58 -13.48 22.01 7.86
C GLU A 58 -14.08 20.84 7.07
N ALA A 59 -13.63 20.68 5.83
CA ALA A 59 -13.95 19.52 5.02
C ALA A 59 -13.51 18.21 5.72
N LEU A 60 -12.32 18.20 6.31
CA LEU A 60 -11.84 17.01 7.00
C LEU A 60 -12.76 16.65 8.17
N SER A 61 -13.22 17.69 8.87
CA SER A 61 -14.12 17.50 9.99
C SER A 61 -15.42 16.80 9.54
N LYS A 62 -16.03 17.34 8.49
CA LYS A 62 -17.24 16.77 7.88
C LYS A 62 -17.07 15.31 7.46
N ALA A 63 -15.98 15.02 6.76
CA ALA A 63 -15.74 13.67 6.26
C ALA A 63 -15.56 12.68 7.43
N LEU A 64 -15.05 13.20 8.54
CA LEU A 64 -14.85 12.39 9.73
C LEU A 64 -16.18 12.04 10.44
N VAL A 65 -17.31 12.57 9.95
CA VAL A 65 -18.59 12.14 10.49
C VAL A 65 -19.00 10.77 9.89
N PRO A 66 -19.18 10.66 8.55
CA PRO A 66 -19.47 9.29 8.07
C PRO A 66 -18.31 8.28 8.24
N PHE A 67 -17.08 8.79 8.26
CA PHE A 67 -15.91 7.95 8.38
C PHE A 67 -15.32 8.04 9.79
N TYR A 68 -16.20 8.05 10.78
CA TYR A 68 -15.78 8.30 12.17
C TYR A 68 -14.74 7.32 12.78
N PRO A 69 -14.72 6.03 12.36
CA PRO A 69 -13.60 5.22 12.88
C PRO A 69 -12.21 5.77 12.54
N MET A 70 -12.09 6.55 11.47
CA MET A 70 -10.81 7.13 11.09
C MET A 70 -10.24 8.04 12.17
N ALA A 71 -11.11 8.56 13.05
CA ALA A 71 -10.70 9.49 14.09
C ALA A 71 -10.59 8.80 15.45
N GLY A 72 -10.63 7.47 15.43
CA GLY A 72 -10.53 6.67 16.65
C GLY A 72 -9.11 6.26 17.02
N ARG A 73 -8.98 5.27 17.89
CA ARG A 73 -7.68 4.81 18.37
C ARG A 73 -7.58 3.29 18.42
N LEU A 74 -6.37 2.77 18.43
CA LEU A 74 -6.14 1.33 18.60
C LEU A 74 -6.24 0.96 20.07
N LYS A 75 -6.82 -0.20 20.36
CA LYS A 75 -6.85 -0.71 21.72
C LYS A 75 -7.03 -2.23 21.69
N ARG A 76 -6.84 -2.89 22.83
CA ARG A 76 -7.06 -4.33 22.90
C ARG A 76 -8.33 -4.66 23.66
N ASP A 77 -9.05 -5.67 23.19
CA ASP A 77 -10.25 -6.15 23.89
C ASP A 77 -9.86 -7.12 25.02
N ASP A 78 -10.85 -7.70 25.67
CA ASP A 78 -10.60 -8.52 26.87
C ASP A 78 -9.76 -9.74 26.54
N ASP A 79 -9.88 -10.25 25.32
CA ASP A 79 -9.10 -11.41 24.90
C ASP A 79 -7.76 -10.98 24.32
N GLY A 80 -7.51 -9.66 24.31
CA GLY A 80 -6.24 -9.11 23.87
C GLY A 80 -6.14 -8.86 22.37
N ARG A 81 -7.29 -8.92 21.69
CA ARG A 81 -7.34 -8.71 20.25
C ARG A 81 -7.42 -7.21 19.98
N ILE A 82 -6.55 -6.75 19.08
CA ILE A 82 -6.51 -5.35 18.64
C ILE A 82 -7.84 -4.97 17.98
N GLU A 83 -8.42 -3.86 18.41
CA GLU A 83 -9.65 -3.36 17.83
C GLU A 83 -9.57 -1.84 17.71
N ILE A 84 -10.49 -1.25 16.96
CA ILE A 84 -10.51 0.20 16.82
C ILE A 84 -11.48 0.83 17.80
N ASP A 85 -10.92 1.63 18.71
CA ASP A 85 -11.71 2.37 19.68
C ASP A 85 -12.25 3.64 19.01
N CYS A 86 -13.52 3.62 18.65
CA CYS A 86 -14.17 4.78 18.01
C CYS A 86 -14.56 5.83 19.06
N ASN A 87 -13.61 6.69 19.39
CA ASN A 87 -13.76 7.64 20.48
C ASN A 87 -13.73 9.08 20.01
N GLY A 88 -13.65 9.25 18.68
CA GLY A 88 -13.62 10.57 18.06
C GLY A 88 -12.51 11.48 18.54
N ALA A 89 -11.39 10.90 18.98
CA ALA A 89 -10.26 11.69 19.49
C ALA A 89 -9.71 12.64 18.44
N GLY A 90 -9.87 12.28 17.18
CA GLY A 90 -9.44 13.14 16.09
C GLY A 90 -8.34 12.64 15.16
N VAL A 91 -8.02 13.49 14.19
CA VAL A 91 -7.00 13.22 13.20
C VAL A 91 -5.97 14.33 13.27
N LEU A 92 -4.69 13.97 13.26
CA LEU A 92 -3.63 14.97 13.28
C LEU A 92 -3.53 15.64 11.94
N PHE A 93 -3.53 16.96 11.93
CA PHE A 93 -3.39 17.75 10.69
C PHE A 93 -2.30 18.81 10.83
N VAL A 94 -1.24 18.66 10.05
CA VAL A 94 -0.08 19.54 10.14
C VAL A 94 0.03 20.43 8.92
N VAL A 95 0.36 21.70 9.13
CA VAL A 95 0.71 22.58 8.03
C VAL A 95 2.19 22.90 8.07
N ALA A 96 2.89 22.70 6.95
CA ALA A 96 4.33 22.93 6.92
C ALA A 96 4.78 23.78 5.70
N ASP A 97 5.93 24.43 5.85
CA ASP A 97 6.57 25.20 4.77
C ASP A 97 7.96 24.64 4.54
N THR A 98 8.44 24.76 3.31
CA THR A 98 9.79 24.35 3.01
C THR A 98 10.39 25.27 1.93
N PRO A 99 11.65 25.67 2.10
CA PRO A 99 12.39 26.41 1.05
C PRO A 99 12.59 25.60 -0.22
N SER A 100 12.34 24.30 -0.17
CA SER A 100 12.46 23.47 -1.37
C SER A 100 11.33 23.76 -2.34
N VAL A 101 11.53 23.39 -3.60
CA VAL A 101 10.46 23.35 -4.59
C VAL A 101 10.18 21.90 -4.98
N ILE A 102 8.99 21.66 -5.51
CA ILE A 102 8.58 20.31 -5.88
C ILE A 102 9.56 19.68 -6.88
N ASP A 103 9.96 20.45 -7.88
CA ASP A 103 10.86 19.98 -8.92
C ASP A 103 12.19 19.44 -8.37
N ASP A 104 12.55 19.86 -7.16
CA ASP A 104 13.73 19.37 -6.47
C ASP A 104 13.68 17.85 -6.22
N PHE A 105 12.47 17.30 -6.09
CA PHE A 105 12.28 15.87 -5.87
C PHE A 105 12.52 15.03 -7.11
N GLY A 106 12.78 15.69 -8.24
CA GLY A 106 12.96 15.00 -9.50
C GLY A 106 11.81 14.04 -9.80
N ASP A 107 12.07 12.75 -9.67
CA ASP A 107 11.11 11.74 -10.12
C ASP A 107 10.10 11.25 -9.07
N PHE A 108 10.29 11.67 -7.80
CA PHE A 108 9.39 11.35 -6.68
C PHE A 108 9.57 9.92 -6.16
N ALA A 109 10.77 9.39 -6.28
CA ALA A 109 11.12 8.15 -5.62
C ALA A 109 10.88 8.32 -4.11
N PRO A 110 10.14 7.38 -3.51
CA PRO A 110 9.77 7.49 -2.09
C PRO A 110 10.93 7.26 -1.12
N THR A 111 11.98 8.07 -1.29
CA THR A 111 13.15 8.08 -0.41
C THR A 111 12.80 8.54 1.00
N LEU A 112 13.76 8.39 1.92
CA LEU A 112 13.57 8.75 3.33
C LEU A 112 13.12 10.18 3.49
N ASN A 113 13.57 11.03 2.59
CA ASN A 113 13.43 12.46 2.77
C ASN A 113 12.12 12.94 2.19
N LEU A 114 11.52 12.06 1.38
CA LEU A 114 10.15 12.26 0.93
C LEU A 114 9.19 11.90 2.07
N ARG A 115 9.61 10.97 2.92
CA ARG A 115 8.82 10.55 4.09
C ARG A 115 8.60 11.75 5.02
N GLN A 116 9.49 12.73 4.88
CA GLN A 116 9.40 13.95 5.67
C GLN A 116 8.12 14.74 5.43
N LEU A 117 7.41 14.39 4.36
CA LEU A 117 6.19 15.08 3.95
C LEU A 117 4.95 14.51 4.68
N ILE A 118 5.15 13.41 5.42
CA ILE A 118 4.11 12.88 6.30
C ILE A 118 4.62 13.12 7.71
N PRO A 119 3.72 13.46 8.65
CA PRO A 119 4.17 13.58 10.05
C PRO A 119 4.60 12.24 10.66
N GLU A 120 5.56 12.31 11.59
CA GLU A 120 6.17 11.11 12.14
C GLU A 120 5.37 10.63 13.35
N VAL A 121 5.21 9.32 13.48
CA VAL A 121 4.42 8.78 14.57
C VAL A 121 5.28 7.92 15.49
N ASP A 122 5.23 8.24 16.78
CA ASP A 122 5.96 7.49 17.79
C ASP A 122 5.14 6.29 18.24
N HIS A 123 5.45 5.12 17.68
CA HIS A 123 4.72 3.91 18.00
C HIS A 123 5.23 3.27 19.30
N SER A 124 6.42 3.68 19.74
CA SER A 124 7.07 3.07 20.91
C SER A 124 6.33 3.31 22.23
N ALA A 125 5.37 4.24 22.23
CA ALA A 125 4.56 4.47 23.42
C ALA A 125 3.35 3.52 23.44
N GLY A 126 2.21 3.97 23.95
CA GLY A 126 1.01 3.14 23.92
C GLY A 126 0.54 2.75 22.51
N ILE A 127 -0.24 1.68 22.44
CA ILE A 127 -0.89 1.28 21.20
C ILE A 127 -1.99 2.30 20.93
N HIS A 128 -2.43 2.96 22.00
CA HIS A 128 -3.57 3.86 22.01
C HIS A 128 -3.11 5.31 21.89
N SER A 129 -1.81 5.51 21.81
CA SER A 129 -1.22 6.83 22.01
C SER A 129 -1.11 7.67 20.74
N PHE A 130 -1.41 7.08 19.59
CA PHE A 130 -1.25 7.79 18.33
C PHE A 130 -2.53 7.75 17.51
N PRO A 131 -2.79 8.81 16.72
CA PRO A 131 -3.91 8.88 15.77
C PRO A 131 -3.84 7.76 14.75
N LEU A 132 -4.99 7.32 14.26
CA LEU A 132 -5.01 6.34 13.19
C LEU A 132 -4.58 6.97 11.86
N LEU A 133 -4.84 8.27 11.73
CA LEU A 133 -4.51 9.00 10.51
C LEU A 133 -3.77 10.29 10.77
N VAL A 134 -2.62 10.43 10.13
CA VAL A 134 -1.83 11.67 10.18
C VAL A 134 -1.76 12.31 8.79
N LEU A 135 -1.98 13.62 8.76
CA LEU A 135 -2.03 14.40 7.52
C LEU A 135 -1.10 15.61 7.56
N GLN A 136 -0.42 15.87 6.45
CA GLN A 136 0.39 17.06 6.35
C GLN A 136 0.30 17.73 4.99
N VAL A 137 -0.08 19.00 5.03
CA VAL A 137 0.01 19.86 3.88
C VAL A 137 1.30 20.67 3.95
N THR A 138 2.19 20.45 2.98
CA THR A 138 3.44 21.19 2.92
C THR A 138 3.46 22.16 1.76
N PHE A 139 3.65 23.45 2.05
CA PHE A 139 3.74 24.47 1.02
C PHE A 139 5.20 24.67 0.59
N PHE A 140 5.45 24.48 -0.69
CA PHE A 140 6.78 24.63 -1.27
C PHE A 140 7.01 26.05 -1.75
N LYS A 141 8.28 26.39 -1.93
CA LYS A 141 8.67 27.73 -2.35
C LYS A 141 8.13 28.09 -3.76
N CYS A 142 7.89 27.07 -4.58
CA CYS A 142 7.37 27.21 -5.94
C CYS A 142 5.88 27.54 -5.99
N GLY A 143 5.24 27.64 -4.83
CA GLY A 143 3.80 27.84 -4.76
C GLY A 143 3.01 26.55 -4.74
N GLY A 144 3.66 25.45 -5.10
CA GLY A 144 3.03 24.15 -5.05
C GLY A 144 2.83 23.63 -3.62
N ALA A 145 2.14 22.50 -3.49
CA ALA A 145 1.85 21.92 -2.19
C ALA A 145 1.82 20.39 -2.23
N SER A 146 2.15 19.75 -1.13
CA SER A 146 2.02 18.30 -1.09
C SER A 146 1.06 17.88 0.03
N LEU A 147 0.39 16.76 -0.19
CA LEU A 147 -0.41 16.11 0.85
C LEU A 147 0.20 14.76 1.21
N GLY A 148 0.79 14.71 2.41
CA GLY A 148 1.31 13.47 2.97
C GLY A 148 0.26 12.82 3.84
N VAL A 149 0.01 11.54 3.57
CA VAL A 149 -0.98 10.75 4.28
C VAL A 149 -0.32 9.54 4.97
N GLY A 150 -0.66 9.32 6.24
CA GLY A 150 -0.20 8.15 6.98
C GLY A 150 -1.37 7.51 7.71
N MET A 151 -1.86 6.41 7.16
CA MET A 151 -3.09 5.81 7.65
C MET A 151 -2.81 4.44 8.25
N GLN A 152 -3.18 4.29 9.53
CA GLN A 152 -2.93 3.06 10.25
C GLN A 152 -3.61 1.89 9.54
N HIS A 153 -2.82 0.85 9.28
CA HIS A 153 -3.23 -0.25 8.43
C HIS A 153 -4.47 -1.03 8.87
N HIS A 154 -4.74 -1.11 10.17
CA HIS A 154 -5.93 -1.82 10.69
C HIS A 154 -7.23 -1.14 10.20
N ALA A 155 -7.16 0.17 9.96
CA ALA A 155 -8.37 0.96 9.67
C ALA A 155 -8.94 0.71 8.28
N ALA A 156 -8.04 0.58 7.31
CA ALA A 156 -8.43 0.60 5.91
C ALA A 156 -7.33 0.10 4.99
N ASP A 157 -7.69 -0.69 3.98
CA ASP A 157 -6.78 -0.87 2.84
C ASP A 157 -6.89 0.31 1.87
N GLY A 158 -6.33 0.16 0.68
CA GLY A 158 -6.28 1.22 -0.30
C GLY A 158 -7.65 1.68 -0.77
N PHE A 159 -8.55 0.73 -0.98
CA PHE A 159 -9.87 1.10 -1.46
C PHE A 159 -10.64 1.89 -0.41
N SER A 160 -10.62 1.42 0.83
CA SER A 160 -11.34 2.11 1.89
C SER A 160 -10.67 3.43 2.29
N GLY A 161 -9.32 3.44 2.35
CA GLY A 161 -8.62 4.66 2.68
C GLY A 161 -8.88 5.79 1.69
N LEU A 162 -8.73 5.50 0.40
CA LEU A 162 -8.99 6.47 -0.65
C LEU A 162 -10.49 6.83 -0.73
N HIS A 163 -11.35 5.92 -0.28
CA HIS A 163 -12.76 6.26 -0.16
C HIS A 163 -12.91 7.47 0.76
N PHE A 164 -12.13 7.49 1.84
CA PHE A 164 -12.14 8.60 2.78
C PHE A 164 -11.42 9.84 2.22
N ILE A 165 -10.18 9.66 1.76
CA ILE A 165 -9.40 10.80 1.27
C ILE A 165 -10.14 11.52 0.13
N ASN A 166 -10.72 10.75 -0.78
CA ASN A 166 -11.47 11.34 -1.89
C ASN A 166 -12.82 11.96 -1.47
N THR A 167 -13.57 11.33 -0.56
CA THR A 167 -14.78 11.94 -0.02
C THR A 167 -14.43 13.28 0.64
N TRP A 168 -13.32 13.28 1.37
CA TRP A 168 -12.75 14.49 1.93
C TRP A 168 -12.51 15.56 0.85
N SER A 169 -11.83 15.19 -0.23
CA SER A 169 -11.53 16.15 -1.30
C SER A 169 -12.83 16.67 -1.92
N ASP A 170 -13.77 15.77 -2.16
CA ASP A 170 -15.11 16.15 -2.62
C ASP A 170 -15.79 17.17 -1.71
N MET A 171 -15.68 16.93 -0.40
CA MET A 171 -16.34 17.79 0.57
C MET A 171 -15.70 19.15 0.59
N ALA A 172 -14.41 19.20 0.25
CA ALA A 172 -13.66 20.44 0.23
C ALA A 172 -14.18 21.32 -0.90
N ARG A 173 -14.75 20.67 -1.90
CA ARG A 173 -15.28 21.34 -3.08
C ARG A 173 -16.79 21.53 -2.97
N GLY A 174 -17.30 21.43 -1.75
CA GLY A 174 -18.72 21.66 -1.49
C GLY A 174 -19.64 20.48 -1.79
N LEU A 175 -19.08 19.35 -2.18
CA LEU A 175 -19.90 18.21 -2.56
C LEU A 175 -20.26 17.31 -1.39
N ASP A 176 -21.24 16.46 -1.59
CA ASP A 176 -21.67 15.54 -0.56
C ASP A 176 -21.05 14.17 -0.73
N LEU A 177 -21.16 13.37 0.32
CA LEU A 177 -20.82 11.96 0.26
C LEU A 177 -21.51 11.33 -0.95
N THR A 178 -20.85 10.42 -1.64
CA THR A 178 -21.48 9.71 -2.75
C THR A 178 -21.85 8.29 -2.30
N ILE A 179 -20.84 7.46 -2.09
CA ILE A 179 -21.08 6.14 -1.53
C ILE A 179 -20.84 6.12 -0.03
N PRO A 180 -21.92 5.99 0.76
CA PRO A 180 -21.73 5.94 2.22
C PRO A 180 -20.94 4.71 2.65
N PRO A 181 -19.98 4.88 3.58
CA PRO A 181 -19.16 3.80 4.11
C PRO A 181 -19.97 2.76 4.87
N PHE A 182 -19.77 1.49 4.52
CA PHE A 182 -20.35 0.39 5.25
C PHE A 182 -19.37 -0.06 6.34
N ILE A 183 -19.74 0.17 7.61
CA ILE A 183 -18.80 -0.04 8.71
C ILE A 183 -19.19 -1.25 9.56
N ASP A 184 -18.75 -2.42 9.11
CA ASP A 184 -18.98 -3.68 9.79
C ASP A 184 -18.09 -4.77 9.19
N ARG A 185 -17.01 -5.10 9.89
CA ARG A 185 -16.08 -6.12 9.37
C ARG A 185 -16.47 -7.55 9.71
N THR A 186 -17.59 -7.73 10.42
CA THR A 186 -17.95 -9.07 10.86
C THR A 186 -18.41 -9.91 9.69
N LEU A 187 -18.62 -9.27 8.53
CA LEU A 187 -18.87 -10.00 7.29
C LEU A 187 -17.68 -10.88 6.90
N LEU A 188 -16.51 -10.59 7.47
CA LEU A 188 -15.30 -11.34 7.15
C LEU A 188 -14.90 -12.21 8.33
N ARG A 189 -15.83 -12.40 9.26
CA ARG A 189 -15.66 -13.36 10.35
C ARG A 189 -15.43 -14.78 9.80
N ALA A 190 -14.59 -15.55 10.47
CA ALA A 190 -14.39 -16.95 10.13
C ALA A 190 -15.63 -17.79 10.45
N ARG A 191 -15.83 -18.88 9.72
CA ARG A 191 -16.95 -19.77 10.01
C ARG A 191 -16.80 -20.44 11.39
N ASP A 192 -17.90 -20.97 11.94
CA ASP A 192 -17.86 -21.60 13.27
C ASP A 192 -18.43 -23.01 13.26
N PRO A 193 -17.57 -24.03 13.45
CA PRO A 193 -16.12 -23.92 13.66
C PRO A 193 -15.37 -23.59 12.38
N PRO A 194 -14.14 -23.06 12.49
CA PRO A 194 -13.35 -22.84 11.26
C PRO A 194 -13.13 -24.13 10.49
N GLN A 195 -13.02 -24.05 9.17
CA GLN A 195 -12.76 -25.24 8.35
C GLN A 195 -11.92 -24.88 7.13
N PRO A 196 -10.60 -24.82 7.30
CA PRO A 196 -9.68 -24.57 6.18
C PRO A 196 -9.85 -25.65 5.14
N ALA A 197 -9.88 -25.29 3.86
CA ALA A 197 -9.99 -26.30 2.82
C ALA A 197 -8.66 -26.46 2.10
N PHE A 198 -7.77 -25.52 2.35
CA PHE A 198 -6.48 -25.49 1.66
C PHE A 198 -5.32 -25.36 2.62
N HIS A 199 -4.16 -25.78 2.17
CA HIS A 199 -2.92 -25.33 2.75
C HIS A 199 -2.58 -23.96 2.16
N HIS A 200 -2.55 -22.94 2.99
CA HIS A 200 -2.30 -21.59 2.52
C HIS A 200 -0.83 -21.26 2.50
N VAL A 201 -0.22 -21.34 1.31
CA VAL A 201 1.20 -21.08 1.17
C VAL A 201 1.48 -19.64 1.60
N GLU A 202 0.54 -18.75 1.34
CA GLU A 202 0.71 -17.34 1.63
C GLU A 202 1.07 -17.05 3.08
N TYR A 203 0.64 -17.91 4.01
CA TYR A 203 0.86 -17.66 5.43
C TYR A 203 1.96 -18.54 6.03
N GLN A 204 2.63 -19.31 5.17
CA GLN A 204 3.84 -20.03 5.56
C GLN A 204 5.03 -19.07 5.49
N PRO A 205 5.97 -19.19 6.44
CA PRO A 205 7.19 -18.37 6.47
C PRO A 205 7.94 -18.32 5.13
N ALA A 206 8.46 -17.14 4.84
CA ALA A 206 9.21 -16.89 3.60
C ALA A 206 10.57 -17.58 3.60
N PRO A 207 11.02 -18.08 2.44
CA PRO A 207 12.38 -18.62 2.29
C PRO A 207 13.43 -17.71 2.91
N SER A 208 14.40 -18.27 3.64
CA SER A 208 15.55 -17.48 4.06
C SER A 208 16.68 -17.66 3.05
N MET A 209 17.72 -16.81 3.15
CA MET A 209 18.93 -16.95 2.31
C MET A 209 19.73 -18.19 2.69
N LYS A 210 19.96 -19.09 1.73
CA LYS A 210 20.73 -20.30 2.04
C LYS A 210 22.12 -19.90 2.52
N ILE A 211 22.63 -18.81 1.97
CA ILE A 211 23.87 -18.20 2.41
C ILE A 211 23.59 -16.85 3.06
N PRO A 212 23.93 -16.70 4.35
CA PRO A 212 23.62 -15.47 5.08
C PRO A 212 24.16 -14.23 4.37
N LEU A 213 23.42 -13.14 4.46
CA LEU A 213 23.80 -11.89 3.79
C LEU A 213 24.75 -11.07 4.64
N ASP A 214 25.68 -10.39 3.97
CA ASP A 214 26.57 -9.40 4.58
C ASP A 214 25.77 -8.24 5.17
N PRO A 215 25.81 -8.05 6.50
CA PRO A 215 24.96 -7.05 7.16
C PRO A 215 25.35 -5.61 6.78
N SER A 216 26.49 -5.46 6.13
CA SER A 216 26.95 -4.16 5.64
C SER A 216 26.42 -3.89 4.25
N LYS A 217 26.02 -4.94 3.54
CA LYS A 217 25.43 -4.77 2.21
C LYS A 217 23.92 -4.84 2.35
N SER A 218 23.49 -5.55 3.37
CA SER A 218 22.07 -5.75 3.62
C SER A 218 21.63 -4.85 4.77
N GLY A 219 20.37 -4.95 5.15
CA GLY A 219 19.89 -4.17 6.28
C GLY A 219 19.45 -2.77 5.91
N PRO A 220 18.49 -2.23 6.67
CA PRO A 220 17.86 -0.91 6.52
C PRO A 220 18.80 0.24 6.16
N GLU A 221 20.07 0.14 6.50
CA GLU A 221 20.98 1.26 6.36
C GLU A 221 21.62 1.37 4.99
N ASN A 222 21.59 0.28 4.22
CA ASN A 222 22.16 0.33 2.87
C ASN A 222 21.16 -0.13 1.84
N THR A 223 19.92 0.30 2.02
CA THR A 223 18.87 0.11 1.02
C THR A 223 18.56 1.41 0.27
N THR A 224 18.37 1.29 -1.04
CA THR A 224 18.05 2.43 -1.89
C THR A 224 16.57 2.41 -2.30
N VAL A 225 15.94 3.57 -2.37
CA VAL A 225 14.62 3.62 -2.98
C VAL A 225 14.65 4.41 -4.30
N SER A 226 14.22 3.76 -5.37
CA SER A 226 14.11 4.41 -6.66
C SER A 226 12.74 4.20 -7.26
N ILE A 227 12.41 4.94 -8.31
CA ILE A 227 11.30 4.58 -9.19
C ILE A 227 11.73 4.59 -10.62
N PHE A 228 10.98 3.86 -11.43
CA PHE A 228 11.26 3.71 -12.83
C PHE A 228 9.95 3.77 -13.58
N LYS A 229 9.91 4.53 -14.66
CA LYS A 229 8.77 4.53 -15.56
C LYS A 229 8.99 3.52 -16.68
N LEU A 230 7.95 2.79 -17.02
CA LEU A 230 7.92 2.02 -18.27
C LEU A 230 6.89 2.62 -19.20
N THR A 231 7.29 2.92 -20.43
CA THR A 231 6.34 3.42 -21.43
C THR A 231 5.43 2.30 -21.88
N ARG A 232 4.28 2.65 -22.46
CA ARG A 232 3.36 1.63 -22.91
C ARG A 232 4.00 0.83 -24.04
N ASP A 233 4.99 1.44 -24.69
CA ASP A 233 5.77 0.69 -25.67
C ASP A 233 6.45 -0.50 -24.99
N GLN A 234 7.26 -0.20 -23.99
CA GLN A 234 7.93 -1.23 -23.21
C GLN A 234 6.94 -2.24 -22.61
N LEU A 235 5.79 -1.78 -22.10
CA LEU A 235 4.76 -2.68 -21.58
C LEU A 235 4.15 -3.58 -22.66
N VAL A 236 3.83 -3.00 -23.82
CA VAL A 236 3.26 -3.77 -24.92
C VAL A 236 4.25 -4.83 -25.39
N ALA A 237 5.52 -4.43 -25.58
CA ALA A 237 6.60 -5.37 -25.90
C ALA A 237 6.63 -6.50 -24.88
N LEU A 238 6.54 -6.12 -23.61
CA LEU A 238 6.57 -7.05 -22.50
C LEU A 238 5.49 -8.14 -22.57
N LYS A 239 4.24 -7.73 -22.82
CA LYS A 239 3.12 -8.68 -22.87
C LYS A 239 3.25 -9.59 -24.08
N ALA A 240 3.86 -9.03 -25.13
CA ALA A 240 4.06 -9.74 -26.38
C ALA A 240 5.11 -10.84 -26.22
N LYS A 241 5.96 -10.72 -25.22
CA LYS A 241 6.98 -11.72 -24.95
C LYS A 241 6.38 -13.02 -24.39
N SER A 242 5.06 -13.02 -24.21
CA SER A 242 4.31 -14.21 -23.84
C SER A 242 4.39 -15.26 -24.95
N LYS A 243 4.71 -14.78 -26.15
CA LYS A 243 4.84 -15.62 -27.35
C LYS A 243 6.08 -16.50 -27.32
N GLU A 244 7.18 -15.94 -26.78
CA GLU A 244 8.51 -16.53 -26.75
C GLU A 244 8.54 -18.05 -26.51
N ASP A 245 9.48 -18.74 -27.17
CA ASP A 245 9.68 -20.18 -27.04
C ASP A 245 8.40 -20.99 -27.20
N GLY A 246 7.56 -20.55 -28.14
CA GLY A 246 6.41 -21.31 -28.55
C GLY A 246 5.26 -21.41 -27.57
N ASN A 247 5.32 -20.69 -26.46
CA ASN A 247 4.21 -20.65 -25.51
C ASN A 247 2.99 -20.05 -26.19
N THR A 248 1.87 -20.75 -26.12
CA THR A 248 0.64 -20.32 -26.78
C THR A 248 -0.25 -19.51 -25.83
N VAL A 249 -0.08 -19.76 -24.53
CA VAL A 249 -0.85 -19.14 -23.47
C VAL A 249 -0.64 -17.63 -23.37
N SER A 250 -1.75 -16.89 -23.29
CA SER A 250 -1.69 -15.45 -23.15
C SER A 250 -1.95 -15.06 -21.69
N TYR A 251 -0.95 -14.48 -21.04
CA TYR A 251 -1.10 -14.04 -19.66
C TYR A 251 -1.40 -12.55 -19.60
N SER A 252 -1.89 -12.07 -18.47
CA SER A 252 -2.33 -10.68 -18.37
C SER A 252 -1.16 -9.70 -18.37
N SER A 253 -1.44 -8.45 -18.69
CA SER A 253 -0.43 -7.41 -18.65
C SER A 253 0.19 -7.31 -17.27
N TYR A 254 -0.65 -7.39 -16.22
CA TYR A 254 -0.16 -7.37 -14.85
C TYR A 254 0.68 -8.61 -14.51
N GLU A 255 0.24 -9.78 -14.99
CA GLU A 255 0.98 -11.00 -14.77
C GLU A 255 2.39 -10.93 -15.41
N MET A 256 2.46 -10.54 -16.68
CA MET A 256 3.74 -10.46 -17.37
C MET A 256 4.63 -9.41 -16.74
N LEU A 257 4.06 -8.28 -16.31
CA LEU A 257 4.86 -7.23 -15.70
C LEU A 257 5.36 -7.65 -14.33
N ALA A 258 4.46 -8.20 -13.50
CA ALA A 258 4.86 -8.69 -12.18
C ALA A 258 5.96 -9.76 -12.32
N GLY A 259 5.78 -10.66 -13.29
CA GLY A 259 6.75 -11.71 -13.53
C GLY A 259 8.08 -11.12 -13.93
N HIS A 260 8.02 -10.07 -14.74
CA HIS A 260 9.21 -9.36 -15.22
C HIS A 260 9.96 -8.68 -14.06
N VAL A 261 9.24 -8.00 -13.16
CA VAL A 261 9.85 -7.39 -11.99
C VAL A 261 10.46 -8.43 -11.05
N TRP A 262 9.69 -9.48 -10.79
CA TRP A 262 10.16 -10.62 -9.98
C TRP A 262 11.46 -11.24 -10.53
N ARG A 263 11.49 -11.45 -11.84
CA ARG A 263 12.63 -12.05 -12.52
C ARG A 263 13.81 -11.08 -12.53
N SER A 264 13.50 -9.80 -12.76
CA SER A 264 14.53 -8.76 -12.77
C SER A 264 15.16 -8.49 -11.40
N VAL A 265 14.37 -8.62 -10.34
CA VAL A 265 14.94 -8.46 -9.01
C VAL A 265 15.85 -9.64 -8.73
N GLY A 266 15.45 -10.80 -9.24
CA GLY A 266 16.18 -12.03 -9.04
C GLY A 266 17.56 -12.00 -9.68
N LYS A 267 17.58 -11.60 -10.95
CA LYS A 267 18.85 -11.40 -11.64
C LYS A 267 19.71 -10.38 -10.88
N ALA A 268 19.09 -9.27 -10.46
CA ALA A 268 19.85 -8.19 -9.83
C ALA A 268 20.55 -8.62 -8.54
N ARG A 269 19.92 -9.54 -7.79
CA ARG A 269 20.47 -9.95 -6.51
C ARG A 269 21.47 -11.07 -6.65
N GLY A 270 21.67 -11.52 -7.89
CA GLY A 270 22.63 -12.57 -8.20
C GLY A 270 22.41 -13.84 -7.41
N LEU A 271 21.15 -14.24 -7.27
CA LEU A 271 20.81 -15.40 -6.45
C LEU A 271 21.40 -16.67 -7.02
N PRO A 272 21.91 -17.53 -6.13
CA PRO A 272 22.29 -18.91 -6.47
C PRO A 272 21.13 -19.65 -7.13
N ASN A 273 21.43 -20.63 -7.98
CA ASN A 273 20.37 -21.32 -8.71
C ASN A 273 19.44 -22.11 -7.79
N ASP A 274 19.92 -22.49 -6.61
CA ASP A 274 19.14 -23.37 -5.74
C ASP A 274 18.37 -22.56 -4.71
N GLN A 275 18.49 -21.24 -4.80
CA GLN A 275 17.83 -20.32 -3.85
C GLN A 275 16.36 -20.10 -4.19
N GLU A 276 15.51 -20.26 -3.19
CA GLU A 276 14.08 -20.06 -3.37
C GLU A 276 13.72 -18.60 -3.19
N THR A 277 12.76 -18.13 -3.99
CA THR A 277 12.31 -16.75 -3.95
C THR A 277 10.79 -16.72 -3.97
N LYS A 278 10.22 -15.99 -3.00
CA LYS A 278 8.79 -15.95 -2.84
C LYS A 278 8.28 -14.55 -3.15
N LEU A 279 7.27 -14.46 -4.01
CA LEU A 279 6.65 -13.19 -4.39
C LEU A 279 5.33 -12.91 -3.64
N TYR A 280 5.28 -11.83 -2.88
CA TYR A 280 4.06 -11.47 -2.15
C TYR A 280 3.17 -10.44 -2.87
N ILE A 281 1.95 -10.87 -3.19
CA ILE A 281 1.03 -10.06 -3.98
C ILE A 281 -0.23 -9.74 -3.19
N ALA A 282 -0.32 -8.48 -2.76
CA ALA A 282 -1.53 -7.97 -2.09
C ALA A 282 -2.69 -8.02 -3.08
N THR A 283 -3.75 -8.71 -2.70
CA THR A 283 -4.85 -9.03 -3.61
C THR A 283 -6.20 -8.63 -3.02
N ASP A 284 -6.85 -7.65 -3.64
CA ASP A 284 -8.18 -7.24 -3.19
C ASP A 284 -9.18 -8.38 -3.41
N GLY A 285 -9.96 -8.67 -2.39
CA GLY A 285 -10.87 -9.79 -2.44
C GLY A 285 -12.31 -9.35 -2.62
N ARG A 286 -12.49 -8.04 -2.76
CA ARG A 286 -13.80 -7.47 -3.01
C ARG A 286 -14.48 -8.09 -4.23
N SER A 287 -13.72 -8.29 -5.31
CA SER A 287 -14.29 -8.86 -6.55
C SER A 287 -14.39 -10.39 -6.56
N ARG A 288 -13.83 -11.05 -5.54
CA ARG A 288 -13.76 -12.51 -5.54
C ARG A 288 -14.79 -13.15 -4.61
N LEU A 289 -15.09 -12.50 -3.48
CA LEU A 289 -16.09 -13.01 -2.54
C LEU A 289 -17.43 -13.08 -3.22
N ARG A 290 -18.13 -14.20 -3.07
CA ARG A 290 -19.30 -14.41 -3.92
C ARG A 290 -20.64 -14.16 -3.24
N PRO A 291 -20.66 -14.04 -1.90
CA PRO A 291 -21.84 -13.25 -1.50
C PRO A 291 -21.69 -11.79 -1.97
N GLN A 292 -20.46 -11.25 -1.97
CA GLN A 292 -20.10 -9.91 -2.48
C GLN A 292 -20.35 -8.77 -1.49
N LEU A 293 -19.27 -8.13 -1.06
CA LEU A 293 -19.32 -7.13 0.00
C LEU A 293 -20.10 -5.88 -0.42
N PRO A 294 -20.70 -5.20 0.56
CA PRO A 294 -21.43 -3.97 0.25
C PRO A 294 -20.52 -2.93 -0.36
N PRO A 295 -21.11 -2.04 -1.17
CA PRO A 295 -20.29 -0.90 -1.58
C PRO A 295 -19.97 -0.04 -0.35
N GLY A 296 -18.76 0.48 -0.29
CA GLY A 296 -18.42 1.37 0.82
C GLY A 296 -17.85 0.63 2.00
N TYR A 297 -17.74 -0.69 1.88
CA TYR A 297 -17.21 -1.51 2.97
C TYR A 297 -15.90 -0.92 3.46
N PHE A 298 -15.84 -0.72 4.78
CA PHE A 298 -14.73 -0.01 5.37
C PHE A 298 -13.79 -0.93 6.16
N GLY A 299 -12.63 -1.24 5.58
CA GLY A 299 -11.59 -1.98 6.26
C GLY A 299 -10.59 -2.56 5.29
N ASN A 300 -10.07 -3.74 5.61
CA ASN A 300 -9.13 -4.42 4.74
C ASN A 300 -9.80 -5.61 4.11
N VAL A 301 -9.61 -5.77 2.81
CA VAL A 301 -10.08 -6.96 2.14
C VAL A 301 -8.87 -7.51 1.38
N ILE A 302 -7.70 -7.28 1.96
CA ILE A 302 -6.46 -7.74 1.38
C ILE A 302 -6.19 -9.22 1.70
N PHE A 303 -6.15 -10.02 0.65
CA PHE A 303 -5.71 -11.40 0.75
C PHE A 303 -4.37 -11.48 0.03
N THR A 304 -3.73 -12.65 0.06
CA THR A 304 -2.33 -12.68 -0.32
C THR A 304 -1.97 -13.88 -1.19
N ALA A 305 -1.46 -13.58 -2.38
CA ALA A 305 -1.00 -14.58 -3.33
C ALA A 305 0.50 -14.70 -3.23
N THR A 306 1.04 -15.90 -3.16
CA THR A 306 2.49 -16.07 -3.04
C THR A 306 3.04 -17.17 -3.93
N PRO A 307 3.20 -16.85 -5.23
CA PRO A 307 3.95 -17.73 -6.12
C PRO A 307 5.39 -17.86 -5.62
N LEU A 308 5.99 -19.02 -5.89
CA LEU A 308 7.33 -19.29 -5.40
C LEU A 308 8.11 -20.00 -6.48
N ALA A 309 9.38 -19.69 -6.61
CA ALA A 309 10.20 -20.40 -7.59
C ALA A 309 11.63 -20.57 -7.09
N VAL A 310 12.34 -21.53 -7.69
CA VAL A 310 13.77 -21.67 -7.50
C VAL A 310 14.46 -20.74 -8.50
N ALA A 311 15.43 -19.94 -8.04
CA ALA A 311 16.07 -18.93 -8.88
C ALA A 311 16.61 -19.53 -10.20
N GLY A 312 17.12 -20.76 -10.11
CA GLY A 312 17.56 -21.51 -11.27
C GLY A 312 16.52 -21.57 -12.37
N ASP A 313 15.28 -21.86 -11.99
CA ASP A 313 14.17 -21.89 -12.97
C ASP A 313 13.75 -20.46 -13.33
N LEU A 314 13.45 -19.66 -12.31
CA LEU A 314 12.97 -18.29 -12.48
C LEU A 314 13.83 -17.44 -13.45
N LEU A 315 15.16 -17.55 -13.35
CA LEU A 315 16.04 -16.71 -14.14
C LEU A 315 16.41 -17.34 -15.50
N SER A 316 16.49 -18.66 -15.58
CA SER A 316 16.83 -19.31 -16.85
C SER A 316 15.65 -19.42 -17.84
N LYS A 317 14.47 -19.74 -17.33
CA LYS A 317 13.25 -19.82 -18.15
C LYS A 317 12.77 -18.44 -18.66
N PRO A 318 11.91 -18.43 -19.71
CA PRO A 318 11.34 -17.18 -20.23
C PRO A 318 10.47 -16.43 -19.20
N THR A 319 10.23 -15.14 -19.42
CA THR A 319 9.44 -14.37 -18.47
C THR A 319 8.06 -15.01 -18.27
N TRP A 320 7.46 -15.58 -19.31
CA TRP A 320 6.10 -16.14 -19.16
C TRP A 320 6.01 -17.31 -18.16
N TYR A 321 7.13 -17.93 -17.80
CA TYR A 321 7.10 -18.96 -16.76
C TYR A 321 6.85 -18.30 -15.41
N ALA A 322 7.43 -17.13 -15.22
CA ALA A 322 7.17 -16.34 -14.03
C ALA A 322 5.68 -15.93 -14.01
N ALA A 323 5.22 -15.36 -15.12
CA ALA A 323 3.80 -15.03 -15.31
C ALA A 323 2.89 -16.22 -14.99
N GLY A 324 3.32 -17.42 -15.37
CA GLY A 324 2.56 -18.64 -15.16
C GLY A 324 2.39 -18.94 -13.68
N GLN A 325 3.50 -18.93 -12.93
CA GLN A 325 3.44 -19.13 -11.49
C GLN A 325 2.48 -18.13 -10.85
N ILE A 326 2.59 -16.87 -11.25
CA ILE A 326 1.74 -15.81 -10.72
C ILE A 326 0.27 -16.07 -11.05
N HIS A 327 0.00 -16.39 -12.31
CA HIS A 327 -1.34 -16.75 -12.74
C HIS A 327 -1.92 -17.96 -11.97
N ASP A 328 -1.10 -18.99 -11.80
CA ASP A 328 -1.51 -20.23 -11.13
C ASP A 328 -1.96 -19.96 -9.68
N PHE A 329 -1.34 -18.97 -9.01
CA PHE A 329 -1.75 -18.63 -7.65
C PHE A 329 -2.95 -17.68 -7.64
N LEU A 330 -2.95 -16.73 -8.57
CA LEU A 330 -4.02 -15.74 -8.62
C LEU A 330 -5.37 -16.38 -8.97
N VAL A 331 -5.35 -17.37 -9.85
CA VAL A 331 -6.60 -17.94 -10.37
C VAL A 331 -7.25 -18.94 -9.41
N ARG A 332 -6.52 -19.31 -8.36
CA ARG A 332 -7.06 -20.24 -7.37
C ARG A 332 -7.86 -19.48 -6.32
N MET A 333 -7.66 -18.17 -6.28
CA MET A 333 -8.22 -17.37 -5.21
C MET A 333 -9.65 -16.95 -5.52
N ASP A 334 -10.56 -17.93 -5.58
CA ASP A 334 -11.99 -17.66 -5.65
C ASP A 334 -12.56 -17.52 -4.23
N ASP A 335 -13.87 -17.34 -4.15
CA ASP A 335 -14.52 -17.14 -2.85
C ASP A 335 -14.25 -18.31 -1.89
N ASN A 336 -14.30 -19.53 -2.40
CA ASN A 336 -13.98 -20.70 -1.60
C ASN A 336 -12.56 -20.68 -0.99
N TYR A 337 -11.58 -20.18 -1.75
CA TYR A 337 -10.22 -20.03 -1.25
C TYR A 337 -10.12 -18.92 -0.17
N LEU A 338 -10.86 -17.83 -0.33
CA LEU A 338 -10.71 -16.71 0.60
C LEU A 338 -11.39 -17.02 1.92
N ARG A 339 -12.47 -17.81 1.86
CA ARG A 339 -13.15 -18.28 3.06
C ARG A 339 -12.26 -19.28 3.82
N SER A 340 -11.60 -20.15 3.07
CA SER A 340 -10.58 -21.00 3.65
C SER A 340 -9.55 -20.13 4.39
N ALA A 341 -9.04 -19.10 3.73
CA ALA A 341 -8.02 -18.22 4.31
C ALA A 341 -8.44 -17.65 5.66
N LEU A 342 -9.68 -17.19 5.76
CA LEU A 342 -10.16 -16.62 7.02
C LEU A 342 -10.18 -17.70 8.12
N ASP A 343 -10.65 -18.89 7.75
CA ASP A 343 -10.69 -19.99 8.68
C ASP A 343 -9.28 -20.41 9.11
N TYR A 344 -8.35 -20.47 8.15
CA TYR A 344 -6.97 -20.82 8.45
C TYR A 344 -6.36 -19.82 9.43
N LEU A 345 -6.61 -18.53 9.21
CA LEU A 345 -6.10 -17.50 10.11
C LEU A 345 -6.69 -17.71 11.50
N GLU A 346 -7.96 -18.09 11.54
CA GLU A 346 -8.70 -18.24 12.78
C GLU A 346 -8.07 -19.31 13.67
N MET A 347 -7.53 -20.34 13.04
CA MET A 347 -6.98 -21.49 13.73
C MET A 347 -5.53 -21.30 14.16
N GLN A 348 -5.00 -20.11 13.95
CA GLN A 348 -3.66 -19.80 14.43
C GLN A 348 -3.79 -19.22 15.84
N PRO A 349 -2.89 -19.63 16.76
CA PRO A 349 -2.97 -19.13 18.14
C PRO A 349 -2.50 -17.67 18.27
N ASP A 350 -1.58 -17.27 17.39
CA ASP A 350 -0.98 -15.95 17.48
C ASP A 350 -0.89 -15.30 16.09
N LEU A 351 -1.81 -14.38 15.81
CA LEU A 351 -1.85 -13.74 14.50
C LEU A 351 -0.71 -12.75 14.30
N SER A 352 -0.23 -12.18 15.40
CA SER A 352 0.90 -11.27 15.33
C SER A 352 2.11 -11.90 14.61
N ALA A 353 2.20 -13.23 14.67
CA ALA A 353 3.29 -13.97 14.05
C ALA A 353 3.18 -13.97 12.53
N LEU A 354 1.99 -13.66 12.02
CA LEU A 354 1.72 -13.72 10.59
C LEU A 354 1.69 -12.32 9.96
N VAL A 355 1.79 -11.30 10.83
CA VAL A 355 1.83 -9.90 10.39
C VAL A 355 3.05 -9.65 9.49
N ARG A 356 2.77 -9.39 8.21
CA ARG A 356 3.83 -9.18 7.23
C ARG A 356 4.64 -7.91 7.55
N GLY A 357 5.94 -7.98 7.27
CA GLY A 357 6.85 -6.93 7.71
C GLY A 357 8.19 -7.08 7.02
N ALA A 358 9.23 -6.45 7.56
CA ALA A 358 10.52 -6.40 6.87
C ALA A 358 11.03 -7.80 6.51
N HIS A 359 10.92 -8.72 7.46
CA HIS A 359 11.24 -10.13 7.30
C HIS A 359 10.43 -10.82 6.20
N THR A 360 9.29 -10.23 5.81
CA THR A 360 8.46 -10.81 4.74
C THR A 360 9.01 -10.51 3.33
N TYR A 361 9.46 -9.28 3.08
CA TYR A 361 9.79 -8.87 1.70
C TYR A 361 11.28 -8.88 1.40
N LYS A 362 12.11 -8.96 2.44
CA LYS A 362 13.54 -8.78 2.25
C LYS A 362 14.11 -9.91 1.41
N CYS A 363 15.20 -9.61 0.71
CA CYS A 363 15.95 -10.59 -0.09
C CYS A 363 16.06 -11.90 0.70
N PRO A 364 15.77 -13.06 0.06
CA PRO A 364 15.64 -13.36 -1.38
C PRO A 364 14.25 -13.12 -1.97
N ASN A 365 13.36 -12.57 -1.16
CA ASN A 365 11.97 -12.47 -1.57
C ASN A 365 11.61 -11.09 -2.08
N LEU A 366 10.30 -10.88 -2.29
CA LEU A 366 9.84 -9.68 -2.93
C LEU A 366 8.35 -9.48 -2.68
N GLY A 367 7.98 -8.24 -2.41
CA GLY A 367 6.59 -7.85 -2.39
C GLY A 367 6.32 -6.91 -3.55
N ILE A 368 5.24 -7.15 -4.30
CA ILE A 368 4.81 -6.20 -5.33
C ILE A 368 3.34 -5.87 -5.16
N THR A 369 3.05 -4.66 -4.70
CA THR A 369 1.66 -4.30 -4.49
C THR A 369 1.24 -3.30 -5.55
N SER A 370 0.14 -3.60 -6.24
CA SER A 370 -0.35 -2.77 -7.33
C SER A 370 -1.34 -1.69 -6.84
N TRP A 371 -1.05 -0.43 -7.18
CA TRP A 371 -1.99 0.65 -6.90
C TRP A 371 -2.67 1.09 -8.19
N VAL A 372 -2.45 0.31 -9.24
CA VAL A 372 -2.87 0.70 -10.59
C VAL A 372 -4.37 0.84 -10.68
N ARG A 373 -5.07 -0.01 -9.93
CA ARG A 373 -6.52 0.00 -9.95
C ARG A 373 -7.09 0.88 -8.86
N LEU A 374 -6.23 1.53 -8.06
CA LEU A 374 -6.73 2.43 -7.01
C LEU A 374 -6.97 3.85 -7.57
N PRO A 375 -8.03 4.52 -7.11
CA PRO A 375 -8.36 5.88 -7.59
C PRO A 375 -7.50 6.98 -6.97
N ILE A 376 -6.19 6.86 -7.18
CA ILE A 376 -5.24 7.66 -6.45
C ILE A 376 -5.17 9.11 -6.94
N TYR A 377 -5.65 9.36 -8.16
CA TYR A 377 -5.60 10.70 -8.71
C TYR A 377 -6.90 11.52 -8.51
N ASP A 378 -7.87 10.97 -7.78
CA ASP A 378 -9.16 11.64 -7.60
C ASP A 378 -9.17 12.70 -6.50
N ALA A 379 -8.16 12.73 -5.65
CA ALA A 379 -8.13 13.76 -4.60
C ALA A 379 -7.90 15.17 -5.18
N ASP A 380 -9.00 15.79 -5.60
CA ASP A 380 -9.07 17.19 -6.02
C ASP A 380 -9.82 17.92 -4.91
N PHE A 381 -9.13 18.81 -4.19
CA PHE A 381 -9.74 19.55 -3.08
C PHE A 381 -10.32 20.92 -3.49
N GLY A 382 -10.27 21.23 -4.79
CA GLY A 382 -10.72 22.52 -5.30
C GLY A 382 -9.70 23.22 -6.17
N TRP A 383 -8.47 22.69 -6.22
CA TRP A 383 -7.38 23.34 -6.96
C TRP A 383 -6.71 22.42 -7.97
N GLY A 384 -7.36 21.31 -8.29
CA GLY A 384 -6.86 20.44 -9.32
C GLY A 384 -6.43 19.08 -8.81
N ARG A 385 -6.44 18.10 -9.72
CA ARG A 385 -5.97 16.76 -9.43
C ARG A 385 -4.43 16.77 -9.25
N PRO A 386 -3.87 15.80 -8.47
CA PRO A 386 -2.42 15.80 -8.25
C PRO A 386 -1.64 15.44 -9.51
N ILE A 387 -0.42 15.96 -9.63
CA ILE A 387 0.46 15.63 -10.76
C ILE A 387 1.16 14.33 -10.47
N PHE A 388 1.16 13.94 -9.20
CA PHE A 388 1.76 12.68 -8.77
C PHE A 388 1.21 12.22 -7.43
N MET A 389 0.98 10.91 -7.34
CA MET A 389 0.62 10.24 -6.09
C MET A 389 1.28 8.87 -6.07
N GLY A 390 2.01 8.62 -4.99
CA GLY A 390 2.60 7.31 -4.75
C GLY A 390 2.87 7.10 -3.27
N PRO A 391 3.56 6.00 -2.94
CA PRO A 391 3.95 5.71 -1.55
C PRO A 391 4.78 6.84 -0.95
N GLY A 392 4.62 7.10 0.35
CA GLY A 392 5.34 8.16 1.01
C GLY A 392 6.71 7.73 1.51
N GLY A 393 6.99 6.45 1.35
CA GLY A 393 8.30 5.91 1.71
C GLY A 393 8.20 4.41 1.58
N ILE A 394 9.30 3.75 1.26
CA ILE A 394 9.32 2.31 1.28
C ILE A 394 10.32 1.86 2.33
N PRO A 395 9.83 1.55 3.54
CA PRO A 395 10.66 1.26 4.70
C PRO A 395 11.31 -0.12 4.64
N TYR A 396 10.78 -1.03 3.83
CA TYR A 396 11.23 -2.44 3.83
C TYR A 396 11.98 -2.79 2.56
N GLU A 397 13.22 -3.23 2.69
CA GLU A 397 13.96 -3.72 1.53
C GLU A 397 13.19 -4.89 0.94
N GLY A 398 13.04 -4.89 -0.38
CA GLY A 398 12.30 -5.94 -1.06
C GLY A 398 10.84 -5.62 -1.33
N LEU A 399 10.34 -4.49 -0.85
CA LEU A 399 8.95 -4.12 -1.13
C LEU A 399 8.89 -3.17 -2.35
N SER A 400 7.86 -3.30 -3.16
CA SER A 400 7.73 -2.48 -4.37
C SER A 400 6.27 -2.17 -4.74
N PHE A 401 6.05 -1.02 -5.38
CA PHE A 401 4.71 -0.61 -5.78
C PHE A 401 4.60 -0.34 -7.29
N VAL A 402 3.46 -0.71 -7.87
CA VAL A 402 3.18 -0.40 -9.26
C VAL A 402 2.14 0.71 -9.25
N LEU A 403 2.49 1.85 -9.87
CA LEU A 403 1.62 3.03 -9.92
C LEU A 403 1.11 3.25 -11.34
N PRO A 404 -0.13 3.75 -11.48
CA PRO A 404 -0.67 4.08 -12.80
C PRO A 404 -0.16 5.44 -13.27
N SER A 405 -0.40 5.80 -14.52
CA SER A 405 -0.01 7.13 -15.00
C SER A 405 -0.99 8.21 -14.57
N PRO A 406 -0.47 9.34 -14.08
CA PRO A 406 -1.27 10.53 -13.78
C PRO A 406 -1.88 11.15 -15.03
N THR A 407 -1.49 10.67 -16.21
CA THR A 407 -1.93 11.29 -17.46
C THR A 407 -2.59 10.32 -18.41
N ASN A 408 -2.73 9.06 -18.01
CA ASN A 408 -3.49 8.10 -18.80
C ASN A 408 -2.82 7.94 -20.21
N ASP A 409 -1.51 7.78 -20.20
CA ASP A 409 -0.75 7.50 -21.42
C ASP A 409 -0.41 6.01 -21.58
N GLY A 410 -0.85 5.19 -20.62
CA GLY A 410 -0.64 3.76 -20.70
C GLY A 410 0.73 3.34 -20.19
N SER A 411 1.42 4.27 -19.55
CA SER A 411 2.65 3.94 -18.88
C SER A 411 2.36 3.57 -17.43
N LEU A 412 3.30 2.84 -16.83
CA LEU A 412 3.23 2.43 -15.43
C LEU A 412 4.55 2.80 -14.76
N SER A 413 4.54 2.94 -13.44
CA SER A 413 5.80 3.06 -12.71
C SER A 413 5.95 1.97 -11.64
N VAL A 414 7.19 1.54 -11.46
CA VAL A 414 7.59 0.62 -10.41
C VAL A 414 8.41 1.40 -9.39
N ALA A 415 7.90 1.49 -8.17
CA ALA A 415 8.60 2.15 -7.08
C ALA A 415 9.10 1.06 -6.12
N ILE A 416 10.39 1.03 -5.83
CA ILE A 416 11.00 -0.13 -5.19
C ILE A 416 12.17 0.18 -4.25
N ALA A 417 12.24 -0.55 -3.14
CA ALA A 417 13.42 -0.55 -2.26
C ALA A 417 14.27 -1.83 -2.43
N LEU A 418 15.54 -1.64 -2.79
CA LEU A 418 16.50 -2.73 -2.89
C LEU A 418 17.80 -2.36 -2.17
N GLN A 419 18.65 -3.36 -1.90
CA GLN A 419 19.99 -3.08 -1.40
C GLN A 419 20.71 -2.27 -2.47
N SER A 420 21.51 -1.31 -2.02
CA SER A 420 22.20 -0.37 -2.89
C SER A 420 22.86 -0.98 -4.13
N GLU A 421 23.68 -2.00 -3.90
CA GLU A 421 24.53 -2.58 -4.96
C GLU A 421 23.69 -3.32 -5.99
N HIS A 422 22.52 -3.78 -5.56
CA HIS A 422 21.59 -4.49 -6.45
C HIS A 422 20.75 -3.54 -7.31
N MET A 423 20.58 -2.31 -6.85
CA MET A 423 19.70 -1.35 -7.52
C MET A 423 20.18 -1.01 -8.94
N LYS A 424 21.48 -0.73 -9.09
CA LYS A 424 22.02 -0.40 -10.42
C LYS A 424 21.72 -1.53 -11.37
N LEU A 425 22.03 -2.75 -10.93
CA LEU A 425 21.81 -3.94 -11.74
C LEU A 425 20.34 -4.10 -12.06
N PHE A 426 19.47 -3.76 -11.11
CA PHE A 426 18.04 -3.85 -11.36
C PHE A 426 17.58 -3.03 -12.60
N GLU A 427 18.37 -2.07 -13.09
CA GLU A 427 18.15 -1.59 -14.47
C GLU A 427 18.71 -2.62 -15.51
N LYS A 428 17.82 -3.52 -15.92
CA LYS A 428 18.02 -4.91 -16.37
C LYS A 428 16.56 -5.36 -16.41
N PHE A 429 15.82 -4.47 -15.78
CA PHE A 429 14.40 -4.38 -15.78
C PHE A 429 13.94 -3.61 -17.03
N LEU A 430 14.87 -2.87 -17.63
CA LEU A 430 14.56 -2.18 -18.88
C LEU A 430 15.06 -2.98 -20.09
N PHE A 431 15.43 -4.24 -19.86
CA PHE A 431 15.64 -5.18 -20.97
C PHE A 431 14.36 -5.35 -21.77
#